data_6GG2
#
_entry.id   6GG2
#
_cell.length_a   90.123
_cell.length_b   90.123
_cell.length_c   266.278
_cell.angle_alpha   90.00
_cell.angle_beta   90.00
_cell.angle_gamma   120.00
#
_symmetry.space_group_name_H-M   'P 65 2 2'
#
loop_
_entity.id
_entity.type
_entity.pdbx_description
1 polymer 'Amino acid oxidase fmpA'
2 non-polymer 'FLAVIN-ADENINE DINUCLEOTIDE'
3 water water
#
_entity_poly.entity_id   1
_entity_poly.type   'polypeptide(L)'
_entity_poly.pdbx_seq_one_letter_code
;MSIPNSFIIVGSGVFGLSLAYALSLDDRFADKKIILVDRWNFEPPNATGSVHNPAAANADTSRVIRRDYPHGPYASLALE
AMKHWRGKFGENNRYVNQRLLFSGEGSSLTTPPKALETVNYIKKAYAISCELTPGGRDAVQVLDSLDEVRAFLGNTPSHP
PHLPVNKDPAARDLRGYVSNDCGWADAGASIEWLRQEVLRLGRVECVVGEVESLVYSDDQRAVKGVKLVDGKVLTAELTV
IAAGARSSHILGIPKLCDVYSEFVAYIQLTKEEADELRRRQWPILVNCHRGVFAVGPDHDNCLKFGHFSYSGIVDVLREA
SIQVPTRPDGWEAQQKYWSDPRFAFGGEVKVSALGDVDDYENPAAQRALADYRLFLLELLGPTGLQGVDTLGLDQSDNLL
NNIANRPFTRVRKCWYNDTPALDFVVDYHPSYGKTLFVATGGCDHAFKFLPIIGEKTLALILRNRGDSAVSLPAGVEPSL
EELSELWRFPVELLQDN
;
_entity_poly.pdbx_strand_id   A
#
loop_
_chem_comp.id
_chem_comp.type
_chem_comp.name
_chem_comp.formula
FAD non-polymer 'FLAVIN-ADENINE DINUCLEOTIDE' 'C27 H33 N9 O15 P2'
#
# COMPACT_ATOMS: atom_id res chain seq x y z
N SER A 2 -5.31 17.31 30.55
CA SER A 2 -4.02 17.28 29.86
C SER A 2 -4.20 17.27 28.35
N ILE A 3 -5.32 16.74 27.90
CA ILE A 3 -5.61 16.53 26.48
C ILE A 3 -5.62 17.87 25.74
N PRO A 4 -5.36 17.89 24.43
CA PRO A 4 -5.42 19.15 23.68
C PRO A 4 -6.84 19.69 23.61
N ASN A 5 -6.93 20.98 23.30
CA ASN A 5 -8.21 21.66 23.21
C ASN A 5 -8.61 22.01 21.77
N SER A 6 -7.67 22.02 20.84
CA SER A 6 -7.98 22.32 19.45
C SER A 6 -7.03 21.54 18.55
N PHE A 7 -7.54 21.13 17.38
CA PHE A 7 -6.80 20.31 16.45
C PHE A 7 -6.84 20.89 15.04
N ILE A 8 -5.73 20.76 14.33
CA ILE A 8 -5.69 20.95 12.88
C ILE A 8 -5.04 19.70 12.29
N ILE A 9 -5.81 18.96 11.50
CA ILE A 9 -5.31 17.79 10.77
C ILE A 9 -5.10 18.20 9.32
N VAL A 10 -3.86 18.09 8.87
CA VAL A 10 -3.52 18.42 7.48
C VAL A 10 -3.39 17.09 6.73
N GLY A 11 -4.40 16.78 5.92
CA GLY A 11 -4.39 15.57 5.12
C GLY A 11 -5.56 14.66 5.43
N SER A 12 -6.55 14.63 4.55
CA SER A 12 -7.71 13.76 4.71
C SER A 12 -7.50 12.40 4.05
N GLY A 13 -6.30 11.84 4.19
CA GLY A 13 -5.95 10.55 3.65
C GLY A 13 -6.07 9.44 4.66
N VAL A 14 -5.22 8.41 4.51
CA VAL A 14 -5.31 7.24 5.38
C VAL A 14 -5.06 7.64 6.83
N PHE A 15 -3.96 8.35 7.09
CA PHE A 15 -3.63 8.72 8.46
C PHE A 15 -4.57 9.77 9.01
N GLY A 16 -4.79 10.85 8.25
CA GLY A 16 -5.55 11.97 8.78
C GLY A 16 -7.03 11.66 8.92
N LEU A 17 -7.65 11.15 7.86
CA LEU A 17 -9.09 10.86 7.91
C LEU A 17 -9.41 9.78 8.94
N SER A 18 -8.50 8.82 9.13
CA SER A 18 -8.71 7.83 10.19
C SER A 18 -8.59 8.46 11.57
N LEU A 19 -7.71 9.46 11.72
CA LEU A 19 -7.62 10.17 12.99
C LEU A 19 -8.91 10.94 13.28
N ALA A 20 -9.40 11.69 12.28
CA ALA A 20 -10.65 12.43 12.46
C ALA A 20 -11.79 11.51 12.88
N TYR A 21 -11.84 10.32 12.29
CA TYR A 21 -12.89 9.35 12.64
C TYR A 21 -12.76 8.90 14.08
N ALA A 22 -11.54 8.59 14.52
CA ALA A 22 -11.34 8.15 15.89
C ALA A 22 -11.76 9.23 16.88
N LEU A 23 -11.30 10.47 16.67
CA LEU A 23 -11.70 11.57 17.54
C LEU A 23 -13.20 11.79 17.51
N SER A 24 -13.84 11.48 16.39
CA SER A 24 -15.29 11.63 16.28
C SER A 24 -16.04 10.59 17.09
N LEU A 25 -15.39 9.49 17.46
CA LEU A 25 -16.00 8.49 18.33
C LEU A 25 -15.68 8.71 19.80
N ASP A 26 -14.59 9.42 20.10
CA ASP A 26 -14.19 9.69 21.48
C ASP A 26 -15.00 10.86 22.01
N ASP A 27 -15.93 10.58 22.93
CA ASP A 27 -16.80 11.61 23.48
C ASP A 27 -16.04 12.69 24.24
N ARG A 28 -14.83 12.39 24.71
CA ARG A 28 -14.03 13.38 25.41
C ARG A 28 -13.67 14.58 24.53
N PHE A 29 -14.02 14.54 23.24
CA PHE A 29 -13.69 15.61 22.30
C PHE A 29 -14.92 16.20 21.62
N ALA A 30 -16.13 15.86 22.07
CA ALA A 30 -17.33 16.34 21.40
C ALA A 30 -17.42 17.86 21.41
N ASP A 31 -16.92 18.50 22.46
CA ASP A 31 -16.94 19.95 22.55
C ASP A 31 -15.73 20.61 21.92
N LYS A 32 -14.63 19.87 21.83
CA LYS A 32 -13.35 20.40 21.30
C LYS A 32 -13.47 20.69 19.80
N LYS A 33 -12.75 21.69 19.32
CA LYS A 33 -12.79 22.07 17.89
C LYS A 33 -11.73 21.28 17.12
N ILE A 34 -12.13 20.55 16.09
CA ILE A 34 -11.18 19.74 15.27
C ILE A 34 -11.28 20.21 13.82
N ILE A 35 -10.17 20.50 13.17
CA ILE A 35 -10.22 20.95 11.75
C ILE A 35 -9.45 19.97 10.87
N LEU A 36 -10.09 19.48 9.82
CA LEU A 36 -9.46 18.59 8.85
C LEU A 36 -9.40 19.33 7.52
N VAL A 37 -8.22 19.82 7.17
CA VAL A 37 -8.02 20.59 5.96
C VAL A 37 -7.40 19.70 4.90
N ASP A 38 -7.87 19.83 3.66
CA ASP A 38 -7.27 19.10 2.55
C ASP A 38 -7.36 19.92 1.28
N ARG A 39 -6.33 19.79 0.45
CA ARG A 39 -6.30 20.40 -0.88
C ARG A 39 -7.58 20.09 -1.67
N TRP A 40 -8.06 18.85 -1.56
CA TRP A 40 -9.14 18.35 -2.40
C TRP A 40 -10.49 18.51 -1.72
N ASN A 41 -11.50 18.87 -2.51
CA ASN A 41 -12.87 18.99 -2.02
C ASN A 41 -13.56 17.65 -2.21
N PHE A 42 -13.77 16.93 -1.11
CA PHE A 42 -14.38 15.61 -1.18
C PHE A 42 -15.89 15.66 -1.40
N GLU A 43 -16.52 16.83 -1.26
CA GLU A 43 -17.96 16.97 -1.40
C GLU A 43 -18.29 18.12 -2.35
N PRO A 44 -17.93 18.01 -3.62
CA PRO A 44 -18.12 19.12 -4.55
C PRO A 44 -19.59 19.38 -4.81
N PRO A 45 -19.94 20.54 -5.36
CA PRO A 45 -21.36 20.86 -5.60
C PRO A 45 -22.03 19.85 -6.52
N ASN A 46 -23.35 19.71 -6.33
CA ASN A 46 -24.20 18.86 -7.16
C ASN A 46 -23.65 17.45 -7.30
N ALA A 47 -22.93 16.98 -6.29
CA ALA A 47 -22.41 15.62 -6.23
C ALA A 47 -23.09 14.88 -5.09
N THR A 48 -23.35 13.59 -5.30
CA THR A 48 -24.04 12.76 -4.31
C THR A 48 -23.00 12.04 -3.46
N GLY A 49 -22.91 12.40 -2.19
CA GLY A 49 -21.93 11.81 -1.32
C GLY A 49 -20.54 12.38 -1.54
N SER A 50 -19.53 11.59 -1.17
CA SER A 50 -18.14 12.01 -1.26
C SER A 50 -17.46 11.41 -2.48
N VAL A 51 -16.48 12.13 -3.01
CA VAL A 51 -15.62 11.66 -4.08
C VAL A 51 -14.19 11.64 -3.56
N HIS A 52 -13.48 10.55 -3.81
CA HIS A 52 -12.12 10.46 -3.30
C HIS A 52 -11.18 11.31 -4.15
N ASN A 53 -10.02 11.63 -3.56
CA ASN A 53 -9.02 12.49 -4.17
C ASN A 53 -8.18 11.67 -5.15
N PRO A 54 -8.37 11.86 -6.47
CA PRO A 54 -7.68 11.00 -7.44
C PRO A 54 -6.18 11.16 -7.48
N ALA A 55 -5.62 12.17 -6.81
CA ALA A 55 -4.18 12.36 -6.74
C ALA A 55 -3.57 11.79 -5.47
N ALA A 56 -4.39 11.31 -4.53
CA ALA A 56 -3.89 10.74 -3.30
C ALA A 56 -3.32 9.35 -3.54
N ALA A 57 -2.48 8.91 -2.61
CA ALA A 57 -1.88 7.58 -2.69
C ALA A 57 -2.86 6.48 -2.31
N ASN A 58 -4.06 6.82 -1.86
CA ASN A 58 -5.11 5.85 -1.60
C ASN A 58 -6.09 5.73 -2.76
N ALA A 59 -5.92 6.52 -3.81
CA ALA A 59 -6.86 6.55 -4.94
C ALA A 59 -6.61 5.35 -5.84
N ASP A 60 -7.38 4.29 -5.61
CA ASP A 60 -7.27 3.09 -6.43
C ASP A 60 -8.52 2.24 -6.22
N THR A 61 -9.00 1.61 -7.29
CA THR A 61 -10.17 0.75 -7.17
C THR A 61 -9.86 -0.56 -6.45
N SER A 62 -8.59 -0.81 -6.09
CA SER A 62 -8.26 -1.97 -5.28
C SER A 62 -6.95 -1.72 -4.54
N ARG A 63 -6.92 -2.19 -3.29
CA ARG A 63 -5.73 -2.22 -2.44
C ARG A 63 -5.68 -3.57 -1.77
N VAL A 64 -4.51 -4.19 -1.76
CA VAL A 64 -4.37 -5.57 -1.27
C VAL A 64 -4.22 -5.57 0.24
N ILE A 65 -5.07 -6.33 0.91
CA ILE A 65 -5.00 -6.52 2.36
C ILE A 65 -4.58 -7.95 2.62
N ARG A 66 -3.37 -8.12 3.13
CA ARG A 66 -2.87 -9.41 3.57
C ARG A 66 -2.16 -9.21 4.90
N ARG A 67 -2.12 -10.27 5.71
CA ARG A 67 -1.61 -10.13 7.07
C ARG A 67 -0.77 -11.32 7.51
N ASP A 68 -0.16 -12.06 6.58
CA ASP A 68 0.87 -13.04 6.94
C ASP A 68 2.26 -12.42 6.83
N TYR A 69 2.37 -11.13 7.15
CA TYR A 69 3.66 -10.47 7.32
C TYR A 69 4.38 -11.04 8.54
N PRO A 70 5.71 -10.90 8.61
CA PRO A 70 6.48 -11.49 9.70
C PRO A 70 5.99 -11.09 11.08
N HIS A 71 6.25 -11.96 12.05
CA HIS A 71 5.82 -11.74 13.44
C HIS A 71 6.37 -10.43 13.98
N GLY A 72 5.51 -9.64 14.61
CA GLY A 72 5.87 -8.36 15.14
C GLY A 72 4.66 -7.49 15.40
N PRO A 73 4.86 -6.18 15.55
CA PRO A 73 3.71 -5.27 15.74
C PRO A 73 2.81 -5.17 14.52
N TYR A 74 3.39 -5.01 13.33
CA TYR A 74 2.56 -5.04 12.12
C TYR A 74 1.86 -6.37 11.94
N ALA A 75 2.35 -7.44 12.58
CA ALA A 75 1.67 -8.72 12.54
C ALA A 75 0.30 -8.63 13.20
N SER A 76 0.28 -8.23 14.48
CA SER A 76 -0.99 -8.20 15.20
C SER A 76 -1.86 -7.02 14.80
N LEU A 77 -1.30 -6.01 14.13
CA LEU A 77 -2.06 -4.80 13.86
C LEU A 77 -3.07 -5.01 12.73
N ALA A 78 -2.69 -5.69 11.65
CA ALA A 78 -3.56 -5.85 10.50
C ALA A 78 -4.56 -6.99 10.64
N LEU A 79 -4.32 -7.96 11.54
CA LEU A 79 -5.39 -8.90 11.86
C LEU A 79 -6.50 -8.21 12.64
N GLU A 80 -6.14 -7.25 13.51
CA GLU A 80 -7.15 -6.41 14.13
C GLU A 80 -7.92 -5.62 13.08
N ALA A 81 -7.20 -5.02 12.12
CA ALA A 81 -7.86 -4.28 11.05
C ALA A 81 -8.74 -5.19 10.20
N MET A 82 -8.36 -6.46 10.05
CA MET A 82 -9.13 -7.38 9.23
C MET A 82 -10.53 -7.59 9.78
N LYS A 83 -10.70 -7.50 11.10
CA LYS A 83 -12.03 -7.64 11.70
C LYS A 83 -12.97 -6.53 11.22
N HIS A 84 -12.44 -5.33 10.99
CA HIS A 84 -13.26 -4.24 10.49
C HIS A 84 -13.51 -4.38 8.99
N TRP A 85 -12.49 -4.76 8.23
CA TRP A 85 -12.69 -5.02 6.81
C TRP A 85 -13.72 -6.12 6.60
N ARG A 86 -13.81 -7.08 7.51
CA ARG A 86 -14.85 -8.10 7.44
C ARG A 86 -16.16 -7.65 8.08
N GLY A 87 -16.18 -6.48 8.72
CA GLY A 87 -17.40 -5.98 9.29
C GLY A 87 -17.95 -4.80 8.54
N LYS A 88 -18.08 -3.68 9.25
CA LYS A 88 -18.77 -2.51 8.72
C LYS A 88 -17.95 -1.79 7.65
N PHE A 89 -16.63 -1.81 7.78
CA PHE A 89 -15.78 -1.15 6.81
C PHE A 89 -15.85 -1.80 5.43
N GLY A 90 -16.09 -3.10 5.38
CA GLY A 90 -16.16 -3.80 4.12
C GLY A 90 -17.56 -4.03 3.57
N GLU A 91 -18.57 -3.50 4.25
CA GLU A 91 -19.94 -3.68 3.77
C GLU A 91 -20.14 -2.99 2.43
N ASN A 92 -21.23 -3.37 1.75
CA ASN A 92 -21.57 -2.83 0.44
C ASN A 92 -20.44 -3.06 -0.57
N ASN A 93 -19.76 -4.20 -0.44
CA ASN A 93 -18.69 -4.68 -1.33
C ASN A 93 -17.40 -3.90 -1.22
N ARG A 94 -17.19 -3.11 -0.17
CA ARG A 94 -15.94 -2.39 -0.04
C ARG A 94 -14.76 -3.32 0.19
N TYR A 95 -15.00 -4.54 0.68
CA TYR A 95 -13.97 -5.55 0.84
C TYR A 95 -14.34 -6.78 0.04
N VAL A 96 -13.34 -7.41 -0.55
CA VAL A 96 -13.50 -8.64 -1.33
C VAL A 96 -12.52 -9.67 -0.78
N ASN A 97 -12.96 -10.92 -0.67
CA ASN A 97 -12.06 -12.00 -0.34
C ASN A 97 -11.51 -12.61 -1.64
N GLN A 98 -10.25 -13.03 -1.58
CA GLN A 98 -9.61 -13.62 -2.74
C GLN A 98 -8.37 -14.36 -2.31
N ARG A 99 -8.26 -15.64 -2.69
CA ARG A 99 -7.04 -16.41 -2.48
C ARG A 99 -5.84 -15.66 -3.04
N LEU A 100 -4.66 -15.93 -2.50
CA LEU A 100 -3.44 -15.25 -2.91
C LEU A 100 -2.36 -16.29 -3.16
N LEU A 101 -1.76 -16.23 -4.35
CA LEU A 101 -0.68 -17.14 -4.74
C LEU A 101 0.65 -16.39 -4.59
N PHE A 102 1.44 -16.78 -3.60
CA PHE A 102 2.67 -16.08 -3.21
C PHE A 102 3.86 -16.86 -3.74
N SER A 103 4.66 -16.25 -4.63
CA SER A 103 5.66 -17.01 -5.38
C SER A 103 6.97 -16.24 -5.58
N GLY A 104 8.02 -17.01 -5.83
CA GLY A 104 9.35 -16.52 -6.20
C GLY A 104 10.17 -17.63 -6.85
N GLU A 105 11.44 -17.31 -7.16
CA GLU A 105 12.30 -18.20 -7.93
C GLU A 105 13.51 -18.69 -7.13
N GLY A 106 13.77 -20.00 -7.22
CA GLY A 106 14.84 -20.68 -6.50
C GLY A 106 14.51 -22.15 -6.33
N SER A 107 15.01 -22.73 -5.24
CA SER A 107 14.85 -24.15 -4.94
C SER A 107 13.51 -24.41 -4.24
N SER A 108 13.17 -25.70 -4.13
CA SER A 108 11.85 -26.12 -3.67
C SER A 108 11.47 -25.45 -2.36
N LEU A 109 10.17 -25.19 -2.19
CA LEU A 109 9.70 -24.32 -1.10
C LEU A 109 9.96 -24.94 0.26
N THR A 110 9.93 -26.27 0.37
CA THR A 110 10.21 -26.90 1.66
C THR A 110 11.70 -26.98 1.95
N THR A 111 12.52 -26.98 0.89
CA THR A 111 13.96 -26.98 1.04
C THR A 111 14.40 -25.69 1.76
N PRO A 112 15.41 -25.75 2.63
CA PRO A 112 15.76 -24.56 3.41
C PRO A 112 16.29 -23.45 2.53
N PRO A 113 16.21 -22.20 2.98
CA PRO A 113 16.69 -21.08 2.17
C PRO A 113 18.16 -21.22 1.80
N LYS A 114 18.44 -21.09 0.50
CA LYS A 114 19.80 -20.99 -0.01
C LYS A 114 20.03 -19.59 -0.54
N ALA A 115 21.29 -19.17 -0.54
CA ALA A 115 21.61 -17.81 -0.91
C ALA A 115 21.32 -17.55 -2.38
N LEU A 116 21.01 -16.29 -2.69
CA LEU A 116 20.84 -15.79 -4.06
C LEU A 116 19.60 -16.37 -4.75
N GLU A 117 18.57 -16.70 -3.98
CA GLU A 117 17.29 -17.17 -4.54
C GLU A 117 16.18 -16.25 -4.06
N THR A 118 15.44 -15.68 -4.99
CA THR A 118 14.36 -14.78 -4.61
C THR A 118 13.23 -15.51 -3.88
N VAL A 119 13.14 -16.85 -3.94
CA VAL A 119 12.16 -17.59 -3.15
C VAL A 119 12.31 -17.38 -1.66
N ASN A 120 13.47 -16.96 -1.18
CA ASN A 120 13.67 -16.87 0.26
C ASN A 120 12.65 -15.95 0.92
N TYR A 121 12.19 -14.93 0.18
CA TYR A 121 11.11 -14.06 0.67
C TYR A 121 9.82 -14.85 0.87
N ILE A 122 9.55 -15.84 0.02
CA ILE A 122 8.36 -16.66 0.17
C ILE A 122 8.54 -17.67 1.30
N LYS A 123 9.71 -18.32 1.34
CA LYS A 123 9.98 -19.31 2.39
C LYS A 123 9.81 -18.72 3.78
N LYS A 124 10.15 -17.44 3.95
CA LYS A 124 9.84 -16.78 5.21
C LYS A 124 8.35 -16.60 5.40
N ALA A 125 7.65 -16.17 4.34
CA ALA A 125 6.20 -15.99 4.43
C ALA A 125 5.46 -17.32 4.51
N TYR A 126 6.01 -18.37 3.90
CA TYR A 126 5.40 -19.68 3.98
C TYR A 126 5.56 -20.27 5.38
N ALA A 127 6.77 -20.21 5.94
CA ALA A 127 7.01 -20.74 7.27
C ALA A 127 6.14 -20.05 8.32
N ILE A 128 5.90 -18.74 8.17
CA ILE A 128 5.06 -18.06 9.14
C ILE A 128 3.60 -18.37 8.88
N SER A 129 3.19 -18.48 7.61
CA SER A 129 1.79 -18.79 7.31
C SER A 129 1.37 -20.10 7.96
N CYS A 130 2.25 -21.09 7.99
CA CYS A 130 1.94 -22.36 8.64
C CYS A 130 1.70 -22.18 10.13
N GLU A 131 2.30 -21.15 10.74
CA GLU A 131 2.15 -20.95 12.18
C GLU A 131 0.78 -20.39 12.53
N LEU A 132 0.28 -19.41 11.75
CA LEU A 132 -1.02 -18.80 12.03
C LEU A 132 -2.18 -19.61 11.48
N THR A 133 -1.97 -20.37 10.44
CA THR A 133 -3.20 -20.88 9.83
C THR A 133 -3.64 -22.17 10.52
N PRO A 134 -4.92 -22.26 10.91
CA PRO A 134 -5.40 -23.48 11.58
C PRO A 134 -5.14 -24.74 10.78
N GLY A 135 -4.53 -25.73 11.43
CA GLY A 135 -4.10 -26.95 10.78
C GLY A 135 -2.62 -27.01 10.52
N GLY A 136 -1.95 -25.86 10.45
CA GLY A 136 -0.52 -25.85 10.23
C GLY A 136 -0.16 -26.08 8.77
N ARG A 137 1.08 -26.53 8.56
CA ARG A 137 1.60 -26.78 7.22
C ARG A 137 0.74 -27.77 6.44
N ASP A 138 -0.07 -28.57 7.12
CA ASP A 138 -0.89 -29.56 6.42
C ASP A 138 -2.07 -28.90 5.73
N ALA A 139 -2.50 -27.73 6.19
CA ALA A 139 -3.64 -27.03 5.61
C ALA A 139 -3.25 -25.95 4.62
N VAL A 140 -1.97 -25.88 4.24
CA VAL A 140 -1.47 -24.85 3.34
C VAL A 140 -1.06 -25.52 2.03
N GLN A 141 -1.73 -25.12 0.94
CA GLN A 141 -1.44 -25.68 -0.37
C GLN A 141 -0.19 -25.05 -0.97
N VAL A 142 0.61 -25.87 -1.64
CA VAL A 142 1.93 -25.46 -2.13
C VAL A 142 2.06 -25.87 -3.59
N LEU A 143 2.46 -24.91 -4.43
CA LEU A 143 2.75 -25.15 -5.84
C LEU A 143 4.25 -24.99 -6.04
N ASP A 144 4.91 -26.05 -6.48
CA ASP A 144 6.37 -26.13 -6.44
C ASP A 144 7.01 -26.05 -7.82
N SER A 145 6.29 -25.58 -8.83
CA SER A 145 6.90 -25.38 -10.14
C SER A 145 6.04 -24.40 -10.94
N LEU A 146 6.69 -23.72 -11.89
CA LEU A 146 5.96 -22.79 -12.75
C LEU A 146 4.80 -23.48 -13.46
N ASP A 147 5.03 -24.70 -13.92
CA ASP A 147 3.98 -25.45 -14.60
C ASP A 147 2.86 -25.88 -13.64
N GLU A 148 3.14 -25.95 -12.34
CA GLU A 148 2.08 -26.14 -11.36
C GLU A 148 1.27 -24.87 -11.16
N VAL A 149 1.95 -23.72 -11.12
CA VAL A 149 1.25 -22.45 -11.03
C VAL A 149 0.39 -22.23 -12.27
N ARG A 150 0.94 -22.53 -13.45
CA ARG A 150 0.17 -22.36 -14.69
C ARG A 150 -1.04 -23.30 -14.72
N ALA A 151 -0.84 -24.56 -14.34
CA ALA A 151 -1.96 -25.50 -14.26
C ALA A 151 -2.99 -25.04 -13.25
N PHE A 152 -2.53 -24.42 -12.16
CA PHE A 152 -3.42 -23.90 -11.11
C PHE A 152 -4.37 -22.84 -11.64
N LEU A 153 -4.03 -22.16 -12.73
CA LEU A 153 -4.88 -21.12 -13.32
C LEU A 153 -5.60 -21.60 -14.57
N GLY A 154 -5.52 -22.89 -14.90
CA GLY A 154 -6.18 -23.39 -16.08
C GLY A 154 -5.39 -23.18 -17.35
N ASN A 155 -4.06 -23.22 -17.28
CA ASN A 155 -3.20 -23.05 -18.44
C ASN A 155 -2.39 -24.31 -18.66
N THR A 156 -1.71 -24.35 -19.81
CA THR A 156 -0.94 -25.50 -20.26
C THR A 156 0.44 -25.50 -19.60
N PRO A 157 1.20 -26.58 -19.72
CA PRO A 157 2.59 -26.54 -19.27
C PRO A 157 3.45 -25.77 -20.25
N SER A 158 4.40 -25.02 -19.71
CA SER A 158 5.35 -24.28 -20.53
C SER A 158 6.59 -25.09 -20.85
N HIS A 159 6.85 -26.18 -20.12
CA HIS A 159 8.10 -26.90 -20.28
C HIS A 159 8.13 -27.66 -21.60
N PRO A 160 9.25 -27.62 -22.33
CA PRO A 160 9.30 -28.30 -23.62
C PRO A 160 9.09 -29.78 -23.47
N PRO A 161 8.54 -30.44 -24.50
CA PRO A 161 8.23 -31.88 -24.35
C PRO A 161 9.44 -32.78 -24.40
N HIS A 162 10.41 -32.48 -25.27
CA HIS A 162 11.56 -33.36 -25.42
C HIS A 162 12.45 -33.35 -24.18
N LEU A 163 12.58 -32.20 -23.53
CA LEU A 163 13.37 -32.13 -22.32
C LEU A 163 12.62 -32.83 -21.18
N PRO A 164 13.34 -33.54 -20.31
CA PRO A 164 12.68 -34.25 -19.21
C PRO A 164 12.55 -33.39 -17.96
N VAL A 165 11.49 -33.67 -17.20
CA VAL A 165 11.24 -32.93 -15.98
C VAL A 165 12.37 -33.17 -14.99
N ASN A 166 12.87 -32.08 -14.40
CA ASN A 166 13.94 -32.17 -13.42
C ASN A 166 13.37 -32.59 -12.07
N LYS A 167 13.80 -33.76 -11.58
CA LYS A 167 13.34 -34.23 -10.28
C LYS A 167 14.10 -33.59 -9.12
N ASP A 168 15.27 -33.03 -9.37
CA ASP A 168 16.07 -32.37 -8.35
C ASP A 168 15.30 -31.21 -7.73
N PRO A 169 15.10 -31.20 -6.41
CA PRO A 169 14.41 -30.07 -5.76
C PRO A 169 15.30 -28.87 -5.47
N ALA A 170 16.57 -28.89 -5.89
CA ALA A 170 17.48 -27.77 -5.73
C ALA A 170 17.68 -26.98 -7.01
N ALA A 171 17.08 -27.42 -8.12
CA ALA A 171 17.11 -26.65 -9.34
C ALA A 171 16.25 -25.39 -9.19
N ARG A 172 16.38 -24.49 -10.16
CA ARG A 172 15.67 -23.22 -10.11
C ARG A 172 14.30 -23.37 -10.79
N ASP A 173 13.27 -22.91 -10.10
CA ASP A 173 11.93 -22.84 -10.67
C ASP A 173 11.09 -21.90 -9.82
N LEU A 174 9.92 -21.55 -10.34
CA LEU A 174 8.96 -20.76 -9.58
C LEU A 174 8.33 -21.63 -8.50
N ARG A 175 8.42 -21.19 -7.26
CA ARG A 175 7.85 -21.88 -6.11
C ARG A 175 6.82 -20.98 -5.46
N GLY A 176 5.75 -21.56 -4.91
CA GLY A 176 4.67 -20.73 -4.39
C GLY A 176 3.73 -21.49 -3.48
N TYR A 177 3.07 -20.72 -2.61
CA TYR A 177 2.06 -21.25 -1.71
C TYR A 177 0.80 -20.38 -1.79
N VAL A 178 -0.32 -20.95 -1.34
CA VAL A 178 -1.61 -20.29 -1.39
C VAL A 178 -2.07 -19.95 0.01
N SER A 179 -2.60 -18.74 0.18
CA SER A 179 -3.23 -18.31 1.42
C SER A 179 -4.63 -17.86 1.10
N ASN A 180 -5.61 -18.37 1.84
CA ASN A 180 -7.01 -18.07 1.55
C ASN A 180 -7.53 -16.85 2.31
N ASP A 181 -6.91 -16.48 3.42
CA ASP A 181 -7.40 -15.35 4.22
C ASP A 181 -6.73 -14.06 3.74
N CYS A 182 -7.05 -13.69 2.51
CA CYS A 182 -6.58 -12.46 1.92
C CYS A 182 -7.67 -11.87 1.05
N GLY A 183 -7.50 -10.62 0.67
CA GLY A 183 -8.45 -9.99 -0.22
C GLY A 183 -7.96 -8.62 -0.64
N TRP A 184 -8.89 -7.83 -1.17
CA TRP A 184 -8.59 -6.46 -1.56
C TRP A 184 -9.79 -5.58 -1.29
N ALA A 185 -9.52 -4.32 -1.00
CA ALA A 185 -10.54 -3.32 -0.72
C ALA A 185 -10.56 -2.28 -1.82
N ASP A 186 -11.76 -1.80 -2.15
CA ASP A 186 -11.91 -0.66 -3.05
C ASP A 186 -11.52 0.57 -2.25
N ALA A 187 -10.26 0.98 -2.41
CA ALA A 187 -9.71 2.05 -1.57
C ALA A 187 -10.47 3.35 -1.74
N GLY A 188 -10.81 3.71 -2.99
CA GLY A 188 -11.57 4.91 -3.23
C GLY A 188 -12.92 4.91 -2.54
N ALA A 189 -13.74 3.90 -2.82
CA ALA A 189 -15.04 3.80 -2.18
C ALA A 189 -14.93 3.72 -0.66
N SER A 190 -13.84 3.13 -0.15
CA SER A 190 -13.63 3.07 1.29
C SER A 190 -13.45 4.47 1.88
N ILE A 191 -12.55 5.26 1.29
CA ILE A 191 -12.32 6.63 1.75
C ILE A 191 -13.64 7.42 1.69
N GLU A 192 -14.35 7.27 0.58
CA GLU A 192 -15.60 8.02 0.40
C GLU A 192 -16.62 7.70 1.48
N TRP A 193 -16.76 6.40 1.83
CA TRP A 193 -17.68 6.03 2.90
C TRP A 193 -17.20 6.56 4.25
N LEU A 194 -15.93 6.32 4.59
CA LEU A 194 -15.39 6.82 5.83
C LEU A 194 -15.56 8.33 5.93
N ARG A 195 -15.42 9.01 4.80
CA ARG A 195 -15.62 10.46 4.76
C ARG A 195 -17.07 10.81 5.11
N GLN A 196 -18.03 10.12 4.48
CA GLN A 196 -19.44 10.37 4.78
C GLN A 196 -19.75 10.07 6.24
N GLU A 197 -19.10 9.05 6.80
CA GLU A 197 -19.27 8.74 8.22
C GLU A 197 -18.84 9.92 9.08
N VAL A 198 -17.64 10.45 8.83
CA VAL A 198 -17.11 11.56 9.62
C VAL A 198 -18.06 12.76 9.54
N LEU A 199 -18.62 13.01 8.35
CA LEU A 199 -19.53 14.14 8.21
C LEU A 199 -20.80 13.93 9.03
N ARG A 200 -21.30 12.70 9.07
CA ARG A 200 -22.55 12.41 9.80
C ARG A 200 -22.37 12.63 11.29
N LEU A 201 -21.27 12.14 11.87
CA LEU A 201 -21.03 12.32 13.30
C LEU A 201 -20.94 13.79 13.68
N GLY A 202 -20.70 14.68 12.72
CA GLY A 202 -20.79 16.11 12.93
C GLY A 202 -19.80 16.70 13.91
N ARG A 203 -18.80 15.94 14.34
CA ARG A 203 -17.83 16.48 15.29
C ARG A 203 -16.65 17.15 14.63
N VAL A 204 -16.44 17.01 13.31
CA VAL A 204 -15.24 17.48 12.62
C VAL A 204 -15.61 18.52 11.56
N GLU A 205 -14.89 19.66 11.56
CA GLU A 205 -15.00 20.69 10.54
C GLU A 205 -14.00 20.42 9.42
N CYS A 206 -14.49 20.37 8.18
CA CYS A 206 -13.67 20.09 7.02
C CYS A 206 -13.48 21.34 6.18
N VAL A 207 -12.24 21.60 5.76
CA VAL A 207 -11.87 22.82 5.08
C VAL A 207 -11.14 22.47 3.79
N VAL A 208 -11.54 23.10 2.69
CA VAL A 208 -10.82 22.98 1.42
C VAL A 208 -9.77 24.10 1.38
N GLY A 209 -8.51 23.71 1.22
CA GLY A 209 -7.41 24.65 1.19
C GLY A 209 -6.08 23.91 1.23
N GLU A 210 -5.03 24.54 0.72
CA GLU A 210 -3.71 23.91 0.63
C GLU A 210 -2.76 24.58 1.61
N VAL A 211 -2.21 23.79 2.54
CA VAL A 211 -1.28 24.32 3.52
C VAL A 211 0.03 24.67 2.84
N GLU A 212 0.54 25.87 3.12
CA GLU A 212 1.78 26.35 2.53
C GLU A 212 2.93 26.41 3.52
N SER A 213 2.67 26.81 4.76
CA SER A 213 3.69 26.82 5.79
C SER A 213 3.07 26.50 7.14
N LEU A 214 3.92 26.00 8.03
CA LEU A 214 3.60 25.99 9.44
C LEU A 214 3.71 27.41 9.99
N VAL A 215 3.07 27.65 11.13
CA VAL A 215 3.16 28.92 11.82
C VAL A 215 3.65 28.66 13.23
N TYR A 216 4.63 29.46 13.66
CA TYR A 216 5.20 29.37 14.98
C TYR A 216 4.94 30.68 15.74
N SER A 217 5.15 30.65 17.06
CA SER A 217 5.06 31.85 17.87
C SER A 217 6.32 32.71 17.67
N ASP A 218 6.46 33.82 18.41
CA ASP A 218 7.67 34.64 18.22
C ASP A 218 8.89 34.00 18.85
N ASP A 219 8.69 33.15 19.85
CA ASP A 219 9.81 32.44 20.46
C ASP A 219 10.20 31.22 19.63
N GLN A 220 9.33 30.76 18.74
CA GLN A 220 9.54 29.55 17.94
C GLN A 220 9.74 28.32 18.81
N ARG A 221 9.19 28.33 20.03
CA ARG A 221 9.18 27.15 20.88
C ARG A 221 7.90 26.34 20.73
N ALA A 222 7.00 26.77 19.85
CA ALA A 222 5.71 26.09 19.67
C ALA A 222 5.17 26.40 18.29
N VAL A 223 4.24 25.56 17.84
CA VAL A 223 3.54 25.74 16.57
C VAL A 223 2.12 26.22 16.89
N LYS A 224 1.73 27.34 16.28
CA LYS A 224 0.38 27.86 16.47
C LYS A 224 -0.63 27.23 15.52
N GLY A 225 -0.26 27.06 14.26
CA GLY A 225 -1.16 26.49 13.27
C GLY A 225 -0.54 26.38 11.89
N VAL A 226 -1.31 26.68 10.84
CA VAL A 226 -0.85 26.54 9.47
C VAL A 226 -1.30 27.75 8.65
N LYS A 227 -0.49 28.12 7.67
CA LYS A 227 -0.82 29.19 6.74
C LYS A 227 -1.13 28.59 5.37
N LEU A 228 -2.31 28.93 4.84
CA LEU A 228 -2.74 28.41 3.55
C LEU A 228 -2.23 29.30 2.42
N VAL A 229 -2.22 28.74 1.21
CA VAL A 229 -1.76 29.49 0.05
C VAL A 229 -2.68 30.66 -0.23
N ASP A 230 -3.95 30.57 0.15
CA ASP A 230 -4.89 31.64 -0.12
C ASP A 230 -4.85 32.75 0.92
N GLY A 231 -4.04 32.62 1.97
CA GLY A 231 -3.88 33.66 2.95
C GLY A 231 -4.36 33.25 4.34
N LYS A 232 -5.45 32.49 4.38
CA LYS A 232 -6.05 32.08 5.66
C LYS A 232 -5.00 31.46 6.57
N VAL A 233 -5.13 31.72 7.87
CA VAL A 233 -4.27 31.13 8.88
C VAL A 233 -5.15 30.46 9.93
N LEU A 234 -4.99 29.15 10.08
CA LEU A 234 -5.75 28.37 11.03
C LEU A 234 -4.90 28.10 12.26
N THR A 235 -5.49 28.25 13.44
CA THR A 235 -4.77 28.10 14.71
C THR A 235 -5.42 27.03 15.56
N ALA A 236 -4.58 26.25 16.25
CA ALA A 236 -5.07 25.26 17.19
C ALA A 236 -3.94 24.90 18.16
N GLU A 237 -4.34 24.27 19.26
CA GLU A 237 -3.36 23.82 20.25
C GLU A 237 -2.43 22.77 19.68
N LEU A 238 -2.93 21.92 18.78
CA LEU A 238 -2.14 20.83 18.20
C LEU A 238 -2.36 20.82 16.69
N THR A 239 -1.26 20.73 15.95
CA THR A 239 -1.27 20.66 14.49
C THR A 239 -0.69 19.30 14.07
N VAL A 240 -1.45 18.56 13.26
CA VAL A 240 -1.08 17.21 12.87
C VAL A 240 -0.78 17.20 11.37
N ILE A 241 0.47 16.90 11.02
CA ILE A 241 0.88 16.79 9.63
C ILE A 241 0.68 15.34 9.18
N ALA A 242 -0.32 15.12 8.33
CA ALA A 242 -0.58 13.82 7.73
C ALA A 242 -0.85 13.99 6.25
N ALA A 243 0.12 14.60 5.56
CA ALA A 243 -0.04 15.01 4.18
C ALA A 243 0.55 14.01 3.19
N GLY A 244 0.71 12.75 3.60
CA GLY A 244 1.24 11.75 2.69
C GLY A 244 2.61 12.14 2.17
N ALA A 245 2.80 11.98 0.85
CA ALA A 245 4.08 12.24 0.22
C ALA A 245 4.54 13.69 0.31
N ARG A 246 3.65 14.61 0.68
CA ARG A 246 4.00 16.02 0.81
C ARG A 246 4.46 16.39 2.20
N SER A 247 4.52 15.44 3.14
CA SER A 247 4.77 15.79 4.54
C SER A 247 6.15 16.35 4.75
N SER A 248 7.17 15.75 4.12
CA SER A 248 8.52 16.28 4.22
C SER A 248 8.59 17.72 3.75
N HIS A 249 7.83 18.05 2.70
CA HIS A 249 7.77 19.42 2.20
C HIS A 249 7.17 20.36 3.24
N ILE A 250 5.96 20.04 3.71
CA ILE A 250 5.29 20.88 4.69
C ILE A 250 6.15 21.06 5.93
N LEU A 251 6.76 19.96 6.41
CA LEU A 251 7.61 20.01 7.60
C LEU A 251 8.98 20.60 7.33
N GLY A 252 9.41 20.68 6.07
CA GLY A 252 10.71 21.22 5.75
C GLY A 252 11.85 20.29 6.14
N ILE A 253 11.67 19.00 5.91
CA ILE A 253 12.69 18.00 6.27
C ILE A 253 12.94 17.09 5.07
N PRO A 254 13.87 17.44 4.19
CA PRO A 254 14.07 16.65 2.96
C PRO A 254 14.46 15.20 3.21
N LYS A 255 14.94 14.85 4.39
CA LYS A 255 15.41 13.49 4.68
C LYS A 255 14.38 12.64 5.40
N LEU A 256 13.20 13.19 5.72
CA LEU A 256 12.25 12.43 6.54
C LEU A 256 11.66 11.27 5.76
N CYS A 257 11.42 11.46 4.47
CA CYS A 257 10.85 10.42 3.64
C CYS A 257 11.55 10.38 2.29
N ASP A 258 11.52 9.21 1.66
CA ASP A 258 12.00 9.01 0.30
C ASP A 258 10.78 8.93 -0.62
N VAL A 259 10.57 9.96 -1.42
CA VAL A 259 9.33 10.15 -2.18
C VAL A 259 9.63 9.92 -3.66
N TYR A 260 8.85 9.03 -4.28
CA TYR A 260 9.05 8.67 -5.68
C TYR A 260 7.79 7.99 -6.18
N SER A 261 7.52 8.13 -7.48
CA SER A 261 6.30 7.63 -8.07
C SER A 261 6.49 6.24 -8.67
N GLU A 262 5.37 5.57 -8.92
CA GLU A 262 5.34 4.29 -9.61
C GLU A 262 4.12 4.24 -10.51
N PHE A 263 4.24 3.52 -11.61
CA PHE A 263 3.16 3.42 -12.59
C PHE A 263 2.43 2.09 -12.42
N VAL A 264 1.11 2.12 -12.60
CA VAL A 264 0.23 0.98 -12.38
C VAL A 264 -0.59 0.78 -13.64
N ALA A 265 -0.81 -0.48 -14.02
CA ALA A 265 -1.42 -0.81 -15.30
C ALA A 265 -2.70 -1.63 -15.11
N TYR A 266 -3.65 -1.41 -16.01
CA TYR A 266 -4.94 -2.08 -15.98
C TYR A 266 -5.26 -2.66 -17.35
N ILE A 267 -5.63 -3.94 -17.39
CA ILE A 267 -6.15 -4.57 -18.59
C ILE A 267 -7.63 -4.83 -18.38
N GLN A 268 -8.45 -4.35 -19.31
CA GLN A 268 -9.90 -4.51 -19.22
C GLN A 268 -10.31 -5.87 -19.75
N LEU A 269 -11.18 -6.56 -19.02
CA LEU A 269 -11.72 -7.83 -19.45
C LEU A 269 -13.16 -7.67 -19.92
N THR A 270 -13.59 -8.62 -20.76
CA THR A 270 -15.00 -8.71 -21.07
C THR A 270 -15.76 -9.32 -19.89
N LYS A 271 -17.06 -9.04 -19.84
CA LYS A 271 -17.92 -9.67 -18.83
C LYS A 271 -17.74 -11.17 -18.81
N GLU A 272 -17.68 -11.80 -20.00
CA GLU A 272 -17.52 -13.24 -20.07
C GLU A 272 -16.16 -13.68 -19.54
N GLU A 273 -15.09 -12.93 -19.86
CA GLU A 273 -13.76 -13.30 -19.40
C GLU A 273 -13.65 -13.19 -17.88
N ALA A 274 -14.11 -12.08 -17.32
CA ALA A 274 -14.05 -11.88 -15.87
C ALA A 274 -14.85 -12.96 -15.15
N ASP A 275 -16.00 -13.33 -15.70
CA ASP A 275 -16.78 -14.42 -15.14
C ASP A 275 -16.02 -15.73 -15.18
N GLU A 276 -15.36 -16.01 -16.31
CA GLU A 276 -14.60 -17.25 -16.45
C GLU A 276 -13.52 -17.35 -15.39
N LEU A 277 -12.75 -16.28 -15.21
CA LEU A 277 -11.69 -16.31 -14.19
C LEU A 277 -12.27 -16.44 -12.79
N ARG A 278 -13.34 -15.69 -12.50
CA ARG A 278 -13.96 -15.78 -11.18
C ARG A 278 -14.48 -17.20 -10.92
N ARG A 279 -15.05 -17.85 -11.95
CA ARG A 279 -15.46 -19.23 -11.79
C ARG A 279 -14.24 -20.13 -11.55
N ARG A 280 -13.11 -19.82 -12.16
CA ARG A 280 -11.88 -20.55 -11.90
C ARG A 280 -11.29 -20.25 -10.53
N GLN A 281 -11.94 -19.38 -9.74
CA GLN A 281 -11.41 -18.94 -8.46
C GLN A 281 -10.07 -18.23 -8.63
N TRP A 282 -10.06 -17.26 -9.54
CA TRP A 282 -8.81 -16.61 -9.93
C TRP A 282 -8.20 -15.90 -8.72
N PRO A 283 -6.92 -16.12 -8.44
CA PRO A 283 -6.31 -15.56 -7.23
C PRO A 283 -5.58 -14.25 -7.49
N ILE A 284 -5.39 -13.49 -6.40
CA ILE A 284 -4.36 -12.47 -6.38
C ILE A 284 -3.03 -13.16 -6.57
N LEU A 285 -2.25 -12.71 -7.55
CA LEU A 285 -0.99 -13.37 -7.90
C LEU A 285 0.17 -12.45 -7.55
N VAL A 286 1.07 -12.95 -6.70
CA VAL A 286 2.28 -12.21 -6.32
C VAL A 286 3.48 -13.03 -6.76
N ASN A 287 4.35 -12.43 -7.56
CA ASN A 287 5.61 -13.04 -8.00
C ASN A 287 6.72 -12.07 -7.62
N CYS A 288 7.39 -12.33 -6.50
CA CYS A 288 8.44 -11.44 -6.03
C CYS A 288 9.72 -11.57 -6.84
N HIS A 289 9.84 -12.57 -7.72
CA HIS A 289 11.01 -12.62 -8.58
C HIS A 289 10.92 -11.57 -9.70
N ARG A 290 9.72 -11.29 -10.18
CA ARG A 290 9.51 -10.26 -11.18
C ARG A 290 9.14 -8.91 -10.57
N GLY A 291 8.84 -8.87 -9.28
CA GLY A 291 8.41 -7.63 -8.66
C GLY A 291 7.01 -7.20 -9.02
N VAL A 292 6.20 -8.12 -9.54
CA VAL A 292 4.86 -7.80 -10.02
C VAL A 292 3.83 -8.56 -9.20
N PHE A 293 2.68 -7.93 -8.99
CA PHE A 293 1.49 -8.60 -8.49
C PHE A 293 0.29 -8.18 -9.32
N ALA A 294 -0.70 -9.06 -9.38
CA ALA A 294 -1.94 -8.81 -10.12
C ALA A 294 -3.12 -8.99 -9.19
N VAL A 295 -4.13 -8.13 -9.34
CA VAL A 295 -5.32 -8.14 -8.50
C VAL A 295 -6.55 -8.10 -9.39
N GLY A 296 -7.50 -9.00 -9.13
CA GLY A 296 -8.75 -8.96 -9.84
C GLY A 296 -9.20 -10.31 -10.34
N PRO A 297 -10.23 -10.32 -11.20
CA PRO A 297 -10.91 -9.14 -11.75
C PRO A 297 -11.68 -8.30 -10.72
N ASP A 298 -11.49 -6.98 -10.77
CA ASP A 298 -12.06 -6.08 -9.78
C ASP A 298 -13.47 -5.67 -10.19
N HIS A 299 -14.02 -4.66 -9.51
CA HIS A 299 -15.40 -4.25 -9.73
C HIS A 299 -15.62 -3.61 -11.10
N ASP A 300 -14.56 -3.27 -11.83
CA ASP A 300 -14.66 -2.81 -13.20
C ASP A 300 -14.36 -3.89 -14.21
N ASN A 301 -14.21 -5.14 -13.75
CA ASN A 301 -13.81 -6.27 -14.60
C ASN A 301 -12.43 -6.03 -15.21
N CYS A 302 -11.52 -5.48 -14.42
CA CYS A 302 -10.16 -5.24 -14.84
C CYS A 302 -9.20 -6.08 -14.00
N LEU A 303 -8.06 -6.41 -14.59
CA LEU A 303 -6.91 -6.91 -13.86
C LEU A 303 -5.95 -5.76 -13.65
N LYS A 304 -5.57 -5.52 -12.39
CA LYS A 304 -4.61 -4.48 -12.07
C LYS A 304 -3.25 -5.11 -11.84
N PHE A 305 -2.22 -4.48 -12.39
CA PHE A 305 -0.84 -4.95 -12.26
C PHE A 305 -0.04 -3.87 -11.55
N GLY A 306 0.38 -4.17 -10.32
CA GLY A 306 1.23 -3.29 -9.55
C GLY A 306 2.64 -3.85 -9.44
N HIS A 307 3.54 -2.97 -9.00
CA HIS A 307 4.96 -3.29 -8.90
C HIS A 307 5.41 -3.18 -7.45
N PHE A 308 6.31 -4.08 -7.05
CA PHE A 308 7.02 -3.92 -5.79
C PHE A 308 7.72 -2.57 -5.80
N SER A 309 7.60 -1.82 -4.70
CA SER A 309 8.26 -0.53 -4.61
C SER A 309 9.78 -0.72 -4.54
N TYR A 310 10.51 0.40 -4.58
CA TYR A 310 11.96 0.32 -4.50
C TYR A 310 12.39 -0.31 -3.19
N SER A 311 11.88 0.21 -2.06
CA SER A 311 12.18 -0.38 -0.76
C SER A 311 11.74 -1.83 -0.69
N GLY A 312 10.64 -2.17 -1.39
CA GLY A 312 10.14 -3.53 -1.35
C GLY A 312 11.07 -4.52 -2.04
N ILE A 313 11.69 -4.09 -3.15
CA ILE A 313 12.64 -4.96 -3.84
C ILE A 313 13.91 -5.11 -3.02
N VAL A 314 14.24 -4.11 -2.20
CA VAL A 314 15.39 -4.20 -1.31
C VAL A 314 15.22 -5.38 -0.36
N ASP A 315 14.04 -5.51 0.24
CA ASP A 315 13.78 -6.59 1.18
C ASP A 315 13.88 -7.95 0.51
N VAL A 316 13.30 -8.10 -0.68
CA VAL A 316 13.34 -9.37 -1.39
C VAL A 316 14.78 -9.75 -1.68
N LEU A 317 15.57 -8.81 -2.20
CA LEU A 317 16.94 -9.13 -2.55
C LEU A 317 17.82 -9.30 -1.31
N ARG A 318 17.50 -8.63 -0.21
CA ARG A 318 18.23 -8.86 1.03
C ARG A 318 18.06 -10.30 1.50
N GLU A 319 16.81 -10.76 1.60
CA GLU A 319 16.52 -12.14 2.00
C GLU A 319 17.26 -13.15 1.13
N ALA A 320 17.63 -12.77 -0.09
CA ALA A 320 18.44 -13.60 -0.96
C ALA A 320 19.93 -13.28 -0.86
N SER A 321 20.34 -12.51 0.15
CA SER A 321 21.73 -12.13 0.36
C SER A 321 22.27 -11.31 -0.82
N ILE A 322 21.48 -10.34 -1.26
CA ILE A 322 21.86 -9.42 -2.32
C ILE A 322 21.66 -8.01 -1.80
N GLN A 323 22.75 -7.25 -1.69
CA GLN A 323 22.65 -5.84 -1.36
C GLN A 323 22.38 -5.04 -2.62
N VAL A 324 21.53 -4.03 -2.51
CA VAL A 324 21.28 -3.13 -3.62
C VAL A 324 21.61 -1.71 -3.14
N PRO A 325 22.11 -0.84 -4.01
CA PRO A 325 22.52 0.50 -3.57
C PRO A 325 21.32 1.33 -3.16
N THR A 326 21.61 2.44 -2.48
CA THR A 326 20.58 3.40 -2.13
C THR A 326 19.95 3.96 -3.40
N ARG A 327 18.67 4.33 -3.31
CA ARG A 327 17.92 4.70 -4.50
C ARG A 327 18.50 5.98 -5.11
N PRO A 328 18.69 6.02 -6.42
CA PRO A 328 19.17 7.25 -7.05
C PRO A 328 18.13 8.36 -6.93
N ASP A 329 18.61 9.60 -6.73
CA ASP A 329 17.77 10.78 -6.64
C ASP A 329 16.84 10.73 -5.43
N GLY A 330 17.22 10.01 -4.38
CA GLY A 330 16.34 9.80 -3.26
C GLY A 330 16.53 10.79 -2.13
N TRP A 331 15.62 10.69 -1.15
CA TRP A 331 15.71 11.37 0.15
C TRP A 331 15.79 12.88 -0.09
N GLU A 332 16.87 13.56 0.32
CA GLU A 332 16.88 15.03 0.30
C GLU A 332 16.77 15.60 -1.11
N ALA A 333 17.11 14.82 -2.14
CA ALA A 333 17.00 15.28 -3.51
C ALA A 333 15.56 15.63 -3.90
N GLN A 334 14.58 15.28 -3.07
CA GLN A 334 13.19 15.60 -3.36
C GLN A 334 12.93 17.11 -3.32
N GLN A 335 13.82 17.89 -2.71
CA GLN A 335 13.50 19.28 -2.40
C GLN A 335 13.43 20.16 -3.64
N LYS A 336 14.22 19.85 -4.67
CA LYS A 336 14.14 20.66 -5.90
C LYS A 336 12.84 20.42 -6.66
N TYR A 337 12.07 19.40 -6.30
CA TYR A 337 10.80 19.11 -6.94
C TYR A 337 9.61 19.76 -6.25
N TRP A 338 9.81 20.28 -5.04
CA TRP A 338 8.66 20.72 -4.23
C TRP A 338 7.90 21.85 -4.91
N SER A 339 8.60 22.69 -5.67
CA SER A 339 7.93 23.81 -6.33
C SER A 339 7.01 23.34 -7.47
N ASP A 340 7.27 22.16 -8.01
CA ASP A 340 6.43 21.61 -9.07
C ASP A 340 5.13 21.09 -8.46
N PRO A 341 3.96 21.58 -8.87
CA PRO A 341 2.70 21.01 -8.35
C PRO A 341 2.47 19.57 -8.78
N ARG A 342 3.22 19.06 -9.75
CA ARG A 342 3.04 17.69 -10.19
C ARG A 342 3.76 16.69 -9.31
N PHE A 343 4.72 17.14 -8.50
CA PHE A 343 5.40 16.26 -7.57
C PHE A 343 4.43 15.76 -6.51
N ALA A 344 4.60 14.49 -6.11
CA ALA A 344 3.76 13.82 -5.13
C ALA A 344 2.28 13.82 -5.52
N PHE A 345 2.00 14.04 -6.80
CA PHE A 345 0.66 14.20 -7.35
C PHE A 345 0.42 13.06 -8.33
N GLY A 346 -0.56 12.20 -8.02
CA GLY A 346 -0.81 11.02 -8.80
C GLY A 346 -2.12 11.08 -9.56
N GLY A 347 -2.46 9.94 -10.17
CA GLY A 347 -3.69 9.80 -10.91
C GLY A 347 -3.42 9.32 -12.32
N GLU A 348 -4.37 9.59 -13.20
CA GLU A 348 -4.32 9.05 -14.55
C GLU A 348 -3.14 9.62 -15.34
N VAL A 349 -2.62 8.80 -16.24
CA VAL A 349 -1.46 9.14 -17.07
C VAL A 349 -1.92 9.18 -18.52
N LYS A 350 -1.36 10.14 -19.26
CA LYS A 350 -1.68 10.34 -20.70
C LYS A 350 -1.01 9.26 -21.54
N VAL A 351 -1.62 8.91 -22.66
CA VAL A 351 -1.07 7.94 -23.60
C VAL A 351 -0.94 8.61 -24.97
N SER A 352 0.22 8.43 -25.61
CA SER A 352 0.52 9.05 -26.89
C SER A 352 -0.26 8.40 -28.02
N ALA A 353 -0.05 8.91 -29.24
CA ALA A 353 -0.71 8.33 -30.41
C ALA A 353 -0.26 6.89 -30.63
N LEU A 354 1.05 6.64 -30.52
CA LEU A 354 1.61 5.31 -30.72
C LEU A 354 1.40 4.39 -29.54
N GLY A 355 0.86 4.88 -28.43
CA GLY A 355 0.60 4.06 -27.27
C GLY A 355 1.65 4.14 -26.19
N ASP A 356 2.52 5.15 -26.22
CA ASP A 356 3.52 5.35 -25.20
C ASP A 356 2.93 6.10 -24.00
N VAL A 357 3.58 5.94 -22.85
CA VAL A 357 3.23 6.76 -21.69
C VAL A 357 3.66 8.19 -21.98
N ASP A 358 2.70 9.12 -21.96
CA ASP A 358 2.96 10.54 -22.18
C ASP A 358 2.93 11.21 -20.81
N ASP A 359 4.11 11.36 -20.22
CA ASP A 359 4.25 11.85 -18.86
C ASP A 359 5.69 12.32 -18.69
N TYR A 360 5.89 13.35 -17.87
CA TYR A 360 7.26 13.83 -17.67
C TYR A 360 8.14 12.78 -16.99
N GLU A 361 7.55 11.74 -16.41
CA GLU A 361 8.28 10.63 -15.82
C GLU A 361 8.20 9.37 -16.67
N ASN A 362 8.07 9.54 -17.99
CA ASN A 362 8.03 8.41 -18.90
C ASN A 362 9.13 7.37 -18.68
N PRO A 363 10.41 7.74 -18.49
CA PRO A 363 11.44 6.71 -18.33
C PRO A 363 11.23 5.84 -17.09
N ALA A 364 10.76 6.42 -16.00
CA ALA A 364 10.50 5.61 -14.80
C ALA A 364 9.46 4.53 -15.08
N ALA A 365 8.60 4.74 -16.08
CA ALA A 365 7.52 3.81 -16.34
C ALA A 365 7.99 2.57 -17.09
N GLN A 366 9.09 2.68 -17.85
CA GLN A 366 9.46 1.63 -18.79
C GLN A 366 9.79 0.31 -18.09
N ARG A 367 10.41 0.37 -16.91
CA ARG A 367 10.76 -0.86 -16.21
C ARG A 367 9.51 -1.59 -15.72
N ALA A 368 8.55 -0.85 -15.15
CA ALA A 368 7.34 -1.46 -14.62
C ALA A 368 6.53 -2.12 -15.74
N LEU A 369 6.36 -1.42 -16.86
CA LEU A 369 5.56 -1.96 -17.95
C LEU A 369 6.19 -3.21 -18.54
N ALA A 370 7.53 -3.23 -18.64
CA ALA A 370 8.20 -4.42 -19.14
C ALA A 370 8.02 -5.60 -18.18
N ASP A 371 8.16 -5.35 -16.88
CA ASP A 371 7.97 -6.42 -15.90
C ASP A 371 6.54 -6.95 -15.97
N TYR A 372 5.56 -6.07 -16.13
CA TYR A 372 4.16 -6.50 -16.20
C TYR A 372 3.93 -7.44 -17.37
N ARG A 373 4.50 -7.12 -18.54
CA ARG A 373 4.27 -7.94 -19.72
C ARG A 373 4.97 -9.29 -19.59
N LEU A 374 6.16 -9.31 -18.97
CA LEU A 374 6.85 -10.58 -18.76
C LEU A 374 6.11 -11.47 -17.78
N PHE A 375 5.63 -10.87 -16.69
CA PHE A 375 4.79 -11.57 -15.71
C PHE A 375 3.57 -12.19 -16.39
N LEU A 376 2.91 -11.41 -17.23
CA LEU A 376 1.72 -11.90 -17.96
C LEU A 376 2.08 -13.07 -18.87
N LEU A 377 3.11 -12.90 -19.69
CA LEU A 377 3.45 -13.93 -20.67
C LEU A 377 3.89 -15.23 -20.00
N GLU A 378 4.68 -15.12 -18.93
CA GLU A 378 5.19 -16.31 -18.25
C GLU A 378 4.06 -17.17 -17.71
N LEU A 379 2.98 -16.54 -17.22
CA LEU A 379 1.88 -17.26 -16.59
C LEU A 379 0.71 -17.52 -17.52
N LEU A 380 0.40 -16.59 -18.42
CA LEU A 380 -0.82 -16.65 -19.22
C LEU A 380 -0.57 -16.85 -20.70
N GLY A 381 0.64 -16.62 -21.18
CA GLY A 381 0.98 -16.82 -22.57
C GLY A 381 1.03 -18.29 -22.94
N PRO A 382 1.02 -18.58 -24.24
CA PRO A 382 0.92 -19.99 -24.66
C PRO A 382 2.13 -20.83 -24.34
N THR A 383 3.32 -20.23 -24.21
CA THR A 383 4.54 -21.00 -24.00
C THR A 383 5.34 -20.53 -22.79
N GLY A 384 4.73 -19.80 -21.87
CA GLY A 384 5.53 -19.16 -20.84
C GLY A 384 6.55 -18.25 -21.48
N LEU A 385 7.79 -18.34 -21.01
CA LEU A 385 8.90 -17.61 -21.61
C LEU A 385 9.70 -18.48 -22.57
N GLN A 386 9.18 -19.65 -22.93
CA GLN A 386 9.92 -20.60 -23.75
C GLN A 386 9.81 -20.26 -25.23
N GLY A 387 10.78 -20.77 -25.99
CA GLY A 387 10.85 -20.57 -27.43
C GLY A 387 10.20 -21.70 -28.20
N VAL A 388 10.70 -21.91 -29.42
CA VAL A 388 10.05 -22.84 -30.34
C VAL A 388 10.27 -24.31 -29.99
N ASP A 389 11.25 -24.63 -29.14
CA ASP A 389 11.41 -26.02 -28.73
C ASP A 389 10.26 -26.48 -27.83
N THR A 390 9.49 -25.54 -27.28
CA THR A 390 8.22 -25.88 -26.64
C THR A 390 7.17 -25.98 -27.74
N LEU A 391 6.84 -27.21 -28.11
CA LEU A 391 5.73 -27.45 -29.02
C LEU A 391 4.45 -27.60 -28.22
N GLY A 392 3.37 -27.86 -28.93
CA GLY A 392 2.07 -28.06 -28.30
C GLY A 392 1.04 -27.04 -28.71
N LEU A 393 1.15 -26.53 -29.94
CA LEU A 393 0.12 -25.66 -30.50
C LEU A 393 -1.20 -26.39 -30.68
N ASP A 394 -1.24 -27.69 -30.41
CA ASP A 394 -2.49 -28.40 -30.13
C ASP A 394 -3.07 -27.99 -28.78
N GLN A 395 -2.24 -27.44 -27.89
CA GLN A 395 -2.57 -27.26 -26.49
C GLN A 395 -2.50 -25.78 -26.11
N SER A 396 -3.66 -25.20 -25.79
CA SER A 396 -3.65 -23.80 -25.35
C SER A 396 -5.01 -23.44 -24.76
N ASP A 397 -4.98 -22.45 -23.86
CA ASP A 397 -6.18 -21.77 -23.36
C ASP A 397 -6.19 -20.40 -24.07
N ASN A 398 -7.05 -20.28 -25.08
CA ASN A 398 -7.04 -19.07 -25.91
C ASN A 398 -7.52 -17.83 -25.16
N LEU A 399 -8.32 -18.01 -24.09
CA LEU A 399 -8.76 -16.85 -23.32
C LEU A 399 -7.60 -16.22 -22.55
N LEU A 400 -6.79 -17.05 -21.90
CA LEU A 400 -5.62 -16.55 -21.19
C LEU A 400 -4.61 -15.94 -22.15
N ASN A 401 -4.42 -16.57 -23.32
CA ASN A 401 -3.47 -16.05 -24.28
C ASN A 401 -3.85 -14.65 -24.74
N ASN A 402 -5.14 -14.41 -25.02
CA ASN A 402 -5.58 -13.10 -25.48
C ASN A 402 -5.35 -12.04 -24.41
N ILE A 403 -5.59 -12.37 -23.14
CA ILE A 403 -5.32 -11.43 -22.06
C ILE A 403 -3.83 -11.09 -22.03
N ALA A 404 -2.97 -12.09 -22.16
CA ALA A 404 -1.53 -11.87 -22.07
C ALA A 404 -1.00 -11.05 -23.24
N ASN A 405 -1.71 -11.01 -24.37
CA ASN A 405 -1.32 -10.18 -25.50
C ASN A 405 -2.04 -8.84 -25.53
N ARG A 406 -3.01 -8.63 -24.65
CA ARG A 406 -3.82 -7.42 -24.71
C ARG A 406 -3.03 -6.22 -24.23
N PRO A 407 -3.01 -5.12 -24.98
CA PRO A 407 -2.36 -3.90 -24.50
C PRO A 407 -3.00 -3.41 -23.20
N PHE A 408 -2.18 -2.81 -22.36
CA PHE A 408 -2.70 -2.19 -21.15
C PHE A 408 -3.72 -1.11 -21.51
N THR A 409 -4.87 -1.15 -20.84
CA THR A 409 -5.98 -0.28 -21.21
C THR A 409 -5.83 1.11 -20.61
N ARG A 410 -5.39 1.19 -19.35
CA ARG A 410 -5.14 2.47 -18.70
C ARG A 410 -3.89 2.34 -17.84
N VAL A 411 -3.28 3.49 -17.56
CA VAL A 411 -2.12 3.57 -16.67
C VAL A 411 -2.35 4.73 -15.71
N ARG A 412 -2.04 4.52 -14.43
CA ARG A 412 -2.13 5.55 -13.41
C ARG A 412 -0.81 5.66 -12.68
N LYS A 413 -0.62 6.78 -11.98
CA LYS A 413 0.60 7.05 -11.23
C LYS A 413 0.28 7.22 -9.76
N CYS A 414 1.16 6.68 -8.91
CA CYS A 414 0.98 6.71 -7.46
C CYS A 414 2.32 6.93 -6.80
N TRP A 415 2.32 7.67 -5.69
CA TRP A 415 3.55 8.09 -5.04
C TRP A 415 3.74 7.35 -3.72
N TYR A 416 4.95 6.84 -3.51
CA TYR A 416 5.31 6.21 -2.24
C TYR A 416 5.90 7.25 -1.29
N ASN A 417 6.06 6.83 -0.03
CA ASN A 417 6.46 7.71 1.08
C ASN A 417 7.23 6.86 2.09
N ASP A 418 8.43 6.44 1.69
CA ASP A 418 9.19 5.44 2.44
C ASP A 418 10.01 6.06 3.56
N THR A 419 10.20 5.29 4.62
CA THR A 419 11.06 5.59 5.75
C THR A 419 12.30 4.70 5.70
N PRO A 420 13.32 5.01 6.51
CA PRO A 420 14.51 4.12 6.51
C PRO A 420 14.20 2.70 6.94
N ALA A 421 13.53 2.51 8.07
CA ALA A 421 13.20 1.19 8.58
C ALA A 421 11.85 0.70 8.10
N LEU A 422 11.20 1.41 7.17
CA LEU A 422 9.85 1.12 6.70
C LEU A 422 8.82 1.21 7.82
N ASP A 423 9.17 1.85 8.93
CA ASP A 423 8.23 2.08 10.02
C ASP A 423 7.56 3.44 9.86
N PHE A 424 6.27 3.50 10.20
CA PHE A 424 5.56 4.77 10.19
C PHE A 424 6.22 5.75 11.16
N VAL A 425 5.88 7.02 11.00
CA VAL A 425 6.28 8.06 11.94
C VAL A 425 5.00 8.65 12.51
N VAL A 426 4.66 8.25 13.73
CA VAL A 426 3.49 8.75 14.44
C VAL A 426 3.95 9.24 15.81
N ASP A 427 4.45 10.47 15.87
CA ASP A 427 5.02 11.00 17.10
C ASP A 427 5.03 12.52 17.02
N TYR A 428 5.54 13.15 18.09
CA TYR A 428 5.62 14.59 18.17
C TYR A 428 6.95 15.09 17.65
N HIS A 429 6.93 16.24 16.98
CA HIS A 429 8.18 16.91 16.63
C HIS A 429 8.83 17.40 17.91
N PRO A 430 10.01 16.91 18.27
CA PRO A 430 10.55 17.18 19.62
C PRO A 430 10.90 18.64 19.84
N SER A 431 11.06 19.43 18.78
CA SER A 431 11.53 20.81 18.95
C SER A 431 10.45 21.71 19.54
N TYR A 432 9.19 21.43 19.26
CA TYR A 432 8.10 22.35 19.61
C TYR A 432 7.23 21.81 20.74
N GLY A 433 7.85 21.15 21.71
CA GLY A 433 7.11 20.55 22.81
C GLY A 433 6.10 19.52 22.35
N LYS A 434 4.82 19.75 22.63
CA LYS A 434 3.75 18.85 22.20
C LYS A 434 2.68 19.64 21.46
N THR A 435 3.12 20.45 20.49
CA THR A 435 2.21 21.24 19.66
C THR A 435 2.17 20.80 18.20
N LEU A 436 3.13 20.00 17.75
CA LEU A 436 3.23 19.60 16.36
C LEU A 436 3.41 18.09 16.28
N PHE A 437 2.45 17.41 15.68
CA PHE A 437 2.44 15.95 15.57
C PHE A 437 2.57 15.54 14.12
N VAL A 438 3.36 14.49 13.87
CA VAL A 438 3.60 13.97 12.54
C VAL A 438 3.02 12.57 12.45
N ALA A 439 2.17 12.34 11.45
CA ALA A 439 1.54 11.04 11.22
C ALA A 439 1.62 10.76 9.72
N THR A 440 2.73 10.18 9.29
CA THR A 440 3.00 9.97 7.88
C THR A 440 3.99 8.82 7.74
N GLY A 441 4.59 8.69 6.56
CA GLY A 441 5.52 7.61 6.32
C GLY A 441 4.88 6.28 6.03
N GLY A 442 3.77 6.29 5.29
CA GLY A 442 3.01 5.08 5.03
C GLY A 442 3.70 4.07 4.13
N CYS A 443 4.87 4.42 3.58
CA CYS A 443 5.59 3.53 2.68
C CYS A 443 4.67 2.98 1.59
N ASP A 444 4.58 1.66 1.46
CA ASP A 444 3.74 1.05 0.44
C ASP A 444 2.71 0.09 1.02
N HIS A 445 2.39 0.19 2.31
CA HIS A 445 1.57 -0.84 2.93
C HIS A 445 0.59 -0.30 3.96
N ALA A 446 0.32 1.01 3.95
CA ALA A 446 -0.44 1.60 5.05
C ALA A 446 -1.95 1.54 4.85
N PHE A 447 -2.45 1.34 3.63
CA PHE A 447 -3.89 1.52 3.43
C PHE A 447 -4.70 0.50 4.22
N LYS A 448 -4.19 -0.73 4.35
CA LYS A 448 -4.98 -1.77 5.00
C LYS A 448 -5.37 -1.37 6.42
N PHE A 449 -4.49 -0.67 7.12
CA PHE A 449 -4.74 -0.21 8.49
C PHE A 449 -5.70 0.96 8.57
N LEU A 450 -6.39 1.33 7.50
CA LEU A 450 -7.33 2.45 7.56
C LEU A 450 -8.29 2.39 8.74
N PRO A 451 -8.92 1.26 9.10
CA PRO A 451 -9.92 1.31 10.18
C PRO A 451 -9.35 1.56 11.57
N ILE A 452 -8.11 1.17 11.85
CA ILE A 452 -7.60 1.22 13.22
C ILE A 452 -6.45 2.20 13.41
N ILE A 453 -5.89 2.76 12.34
CA ILE A 453 -4.70 3.59 12.50
C ILE A 453 -5.04 4.89 13.22
N GLY A 454 -6.23 5.44 12.98
CA GLY A 454 -6.64 6.64 13.70
C GLY A 454 -6.69 6.44 15.20
N GLU A 455 -7.17 5.29 15.63
CA GLU A 455 -7.22 4.99 17.06
C GLU A 455 -5.81 4.92 17.65
N LYS A 456 -4.94 4.11 17.05
CA LYS A 456 -3.56 4.01 17.53
C LYS A 456 -2.87 5.37 17.50
N THR A 457 -3.16 6.18 16.47
CA THR A 457 -2.59 7.52 16.39
C THR A 457 -3.08 8.40 17.53
N LEU A 458 -4.36 8.26 17.90
CA LEU A 458 -4.92 9.10 18.95
C LEU A 458 -4.29 8.79 20.31
N ALA A 459 -4.07 7.51 20.61
CA ALA A 459 -3.45 7.15 21.88
C ALA A 459 -2.00 7.62 21.96
N LEU A 460 -1.29 7.64 20.84
CA LEU A 460 0.07 8.17 20.84
C LEU A 460 0.07 9.68 21.06
N ILE A 461 -0.95 10.37 20.57
CA ILE A 461 -1.06 11.81 20.80
C ILE A 461 -1.21 12.09 22.29
N LEU A 462 -1.99 11.27 22.99
CA LEU A 462 -2.26 11.52 24.40
C LEU A 462 -1.10 11.10 25.29
N ARG A 463 -0.47 9.96 24.99
CA ARG A 463 0.53 9.41 25.91
C ARG A 463 1.77 10.29 25.97
N ASN A 464 2.39 10.57 24.83
CA ASN A 464 3.68 11.24 24.84
C ASN A 464 3.61 12.70 25.25
N ARG A 465 2.47 13.12 25.78
CA ARG A 465 2.30 14.44 26.39
C ARG A 465 2.71 14.46 27.85
N GLY A 466 3.22 13.34 28.38
CA GLY A 466 3.53 13.20 29.77
C GLY A 466 2.56 12.34 30.55
N ASP A 467 1.35 12.13 30.04
CA ASP A 467 0.34 11.33 30.71
C ASP A 467 0.50 9.87 30.31
N SER A 468 0.72 9.01 31.30
CA SER A 468 0.86 7.59 31.09
C SER A 468 -0.42 6.82 31.38
N ALA A 469 -1.52 7.52 31.68
CA ALA A 469 -2.77 6.83 31.96
C ALA A 469 -3.27 6.07 30.74
N VAL A 470 -3.06 6.62 29.55
CA VAL A 470 -3.49 5.95 28.33
C VAL A 470 -2.56 4.77 28.06
N SER A 471 -3.15 3.58 27.94
CA SER A 471 -2.40 2.34 27.89
C SER A 471 -2.83 1.37 26.80
N LEU A 472 -3.99 1.58 26.15
CA LEU A 472 -4.65 0.75 25.13
C LEU A 472 -5.42 -0.36 25.85
N PRO A 473 -6.57 -0.81 25.35
CA PRO A 473 -7.45 -1.69 26.14
C PRO A 473 -6.93 -3.11 26.33
N ALA A 474 -7.25 -3.66 27.50
CA ALA A 474 -7.13 -5.09 27.80
C ALA A 474 -5.74 -5.57 27.41
N GLY A 475 -5.60 -6.73 26.75
CA GLY A 475 -4.29 -7.17 26.29
C GLY A 475 -4.22 -7.26 24.78
N VAL A 476 -4.25 -6.11 24.14
CA VAL A 476 -4.09 -6.00 22.70
C VAL A 476 -2.62 -5.71 22.44
N GLU A 477 -2.04 -6.48 21.57
CA GLU A 477 -0.69 -6.15 21.19
C GLU A 477 -0.64 -5.81 19.72
N PRO A 478 0.24 -4.89 19.29
CA PRO A 478 1.33 -4.28 20.06
C PRO A 478 0.86 -3.36 21.18
N SER A 479 1.69 -3.28 22.23
CA SER A 479 1.42 -2.39 23.33
C SER A 479 1.53 -0.93 22.86
N LEU A 480 0.88 -0.04 23.62
CA LEU A 480 0.99 1.38 23.31
C LEU A 480 2.42 1.87 23.52
N GLU A 481 3.09 1.39 24.57
CA GLU A 481 4.50 1.69 24.75
C GLU A 481 5.33 1.15 23.60
N GLU A 482 5.00 -0.04 23.11
CA GLU A 482 5.69 -0.62 21.97
C GLU A 482 5.51 0.24 20.73
N LEU A 483 4.28 0.70 20.47
CA LEU A 483 4.00 1.49 19.28
C LEU A 483 4.70 2.84 19.32
N SER A 484 4.73 3.48 20.50
CA SER A 484 5.43 4.75 20.63
C SER A 484 6.91 4.60 20.29
N GLU A 485 7.49 3.44 20.60
CA GLU A 485 8.86 3.17 20.19
C GLU A 485 8.96 2.97 18.68
N LEU A 486 8.07 2.14 18.13
CA LEU A 486 8.19 1.74 16.72
C LEU A 486 7.99 2.92 15.78
N TRP A 487 7.21 3.92 16.19
CA TRP A 487 6.90 5.06 15.34
C TRP A 487 7.46 6.35 15.91
N ARG A 488 8.58 6.25 16.63
CA ARG A 488 9.22 7.41 17.22
C ARG A 488 9.66 8.39 16.14
N PHE A 489 9.59 9.68 16.47
CA PHE A 489 10.09 10.70 15.57
C PHE A 489 11.59 10.51 15.35
N PRO A 490 12.04 10.41 14.11
CA PRO A 490 13.47 10.20 13.86
C PRO A 490 14.28 11.45 14.19
N VAL A 491 14.94 11.47 15.35
CA VAL A 491 15.67 12.67 15.78
C VAL A 491 17.03 12.79 15.12
N GLU A 492 17.50 11.73 14.44
CA GLU A 492 18.76 11.81 13.70
C GLU A 492 18.76 13.01 12.76
N LEU A 493 17.60 13.34 12.21
CA LEU A 493 17.48 14.38 11.21
C LEU A 493 17.56 15.78 11.82
N LEU A 494 17.26 15.91 13.11
CA LEU A 494 17.19 17.21 13.74
C LEU A 494 18.58 17.73 14.11
N GLN A 495 19.47 16.84 14.54
CA GLN A 495 20.81 17.26 14.95
C GLN A 495 21.82 17.05 13.82
PA FAD B . -2.53 9.88 1.21
O1A FAD B . -3.44 8.69 1.41
O2A FAD B . -1.84 10.08 -0.11
O5B FAD B . -3.40 11.21 1.50
C5B FAD B . -2.72 12.42 1.76
C4B FAD B . -3.72 13.57 1.72
O4B FAD B . -3.11 14.77 2.22
C3B FAD B . -4.18 13.85 0.30
O3B FAD B . -5.59 13.99 0.26
C2B FAD B . -3.54 15.18 -0.05
O2B FAD B . -4.36 15.96 -0.92
C1B FAD B . -3.42 15.83 1.32
N9A FAD B . -2.37 16.87 1.23
C8A FAD B . -1.11 16.71 0.79
N7A FAD B . -0.44 17.89 0.83
C5A FAD B . -1.29 18.82 1.30
C6A FAD B . -1.24 20.27 1.60
N6A FAD B . -0.11 20.98 1.39
N1A FAD B . -2.35 20.87 2.07
C2A FAD B . -3.49 20.17 2.28
N3A FAD B . -3.61 18.86 2.04
C4A FAD B . -2.57 18.14 1.55
N1 FAD B . -1.07 -0.03 0.84
C2 FAD B . -1.67 -1.20 1.15
O2 FAD B . -2.11 -1.35 2.31
N3 FAD B . -1.81 -2.21 0.28
C4 FAD B . -1.37 -2.12 -0.98
O4 FAD B . -1.51 -3.06 -1.78
C4X FAD B . -0.69 -0.87 -1.39
N5 FAD B . -0.23 -0.69 -2.62
C5X FAD B . 0.10 0.53 -3.05
C6 FAD B . 0.28 0.72 -4.41
C7 FAD B . 0.63 1.96 -4.89
C7M FAD B . 0.82 2.10 -6.38
C8 FAD B . 0.81 3.11 -3.96
C8M FAD B . 1.18 4.47 -4.50
C9 FAD B . 0.62 2.93 -2.59
C9A FAD B . 0.27 1.66 -2.10
N10 FAD B . 0.05 1.43 -0.72
C10 FAD B . -0.57 0.20 -0.37
C1' FAD B . 0.24 2.48 0.27
C2' FAD B . -0.98 3.30 0.67
O2' FAD B . -1.79 3.60 -0.46
C3' FAD B . -0.44 4.57 1.32
O3' FAD B . 0.51 4.22 2.33
C4' FAD B . -1.50 5.47 1.94
O4' FAD B . -2.23 6.15 0.91
C5' FAD B . -0.84 6.51 2.85
O5' FAD B . -1.76 7.58 3.01
P FAD B . -1.36 9.00 3.65
O1P FAD B . -2.46 9.40 4.61
O2P FAD B . 0.08 8.98 4.13
O3P FAD B . -1.42 9.98 2.38
#